data_2PIR
#
_entry.id   2PIR
#
_cell.length_a   55.662
_cell.length_b   66.060
_cell.length_c   70.192
_cell.angle_alpha   90.00
_cell.angle_beta   90.00
_cell.angle_gamma   90.00
#
_symmetry.space_group_name_H-M   'P 21 21 21'
#
loop_
_entity.id
_entity.type
_entity.pdbx_description
1 polymer 'Androgen receptor'
2 non-polymer 'SULFATE ION'
3 non-polymer 5-ALPHA-DIHYDROTESTOSTERONE
4 non-polymer SALICYLALDEHYDE
5 water water
#
_entity_poly.entity_id   1
_entity_poly.type   'polypeptide(L)'
_entity_poly.pdbx_seq_one_letter_code
;CQPIFLNVLEAIEPGVVCAGHDNNQPDSFAALLSSLNELGERQLVHVVKWAKALPGFRNLHVDDQMAVIQYSWMGLMVFA
MGWRSFTNVNSRMLYFAPDLVFNEYRMHKSRMYSQCVRMRHLSQEFGWLQITPQEFLCMKALLLFSIIPVDGLKNQKFFD
ELRMNYIKELDRIIACKRKNPTSCSRRFYQLTKLLDSVQPIARELHQFTFDLLIKSHMVSVDFPEMMAEIISVQVPKILS
GKVKPIYFHTQ
;
_entity_poly.pdbx_strand_id   A
#
# COMPACT_ATOMS: atom_id res chain seq x y z
N CYS A 1 17.16 25.43 -7.50
CA CYS A 1 16.47 24.26 -8.02
C CYS A 1 17.29 22.99 -7.84
N GLN A 2 16.85 22.13 -6.93
CA GLN A 2 17.54 20.87 -6.67
C GLN A 2 16.67 19.87 -5.91
N PRO A 3 15.43 19.63 -6.40
CA PRO A 3 14.52 18.69 -5.73
C PRO A 3 14.94 17.25 -6.03
N ILE A 4 16.19 16.93 -5.73
CA ILE A 4 16.75 15.59 -5.95
C ILE A 4 15.82 14.47 -5.49
N PHE A 5 15.38 14.53 -4.24
CA PHE A 5 14.53 13.49 -3.67
C PHE A 5 13.27 13.28 -4.50
N LEU A 6 12.53 14.35 -4.72
CA LEU A 6 11.29 14.28 -5.50
C LEU A 6 11.50 13.77 -6.91
N ASN A 7 12.60 14.15 -7.56
CA ASN A 7 12.88 13.67 -8.90
C ASN A 7 12.95 12.16 -8.98
N VAL A 8 13.60 11.54 -7.99
CA VAL A 8 13.76 10.09 -7.96
C VAL A 8 12.43 9.37 -7.78
N LEU A 9 11.61 9.87 -6.84
CA LEU A 9 10.31 9.25 -6.58
C LEU A 9 9.42 9.25 -7.81
N GLU A 10 9.49 10.33 -8.59
CA GLU A 10 8.66 10.44 -9.79
C GLU A 10 9.24 9.59 -10.92
N ALA A 11 10.56 9.42 -10.92
CA ALA A 11 11.24 8.65 -11.95
C ALA A 11 11.08 7.14 -11.81
N ILE A 12 11.02 6.64 -10.58
CA ILE A 12 10.87 5.21 -10.33
C ILE A 12 9.42 4.78 -10.16
N GLU A 13 8.49 5.74 -10.16
CA GLU A 13 7.08 5.44 -9.99
C GLU A 13 6.63 4.35 -10.97
N PRO A 14 6.26 3.17 -10.45
CA PRO A 14 5.82 2.03 -11.26
C PRO A 14 4.76 2.41 -12.32
N GLY A 15 4.70 1.62 -13.38
CA GLY A 15 3.75 1.90 -14.44
C GLY A 15 2.47 1.08 -14.28
N VAL A 16 1.65 1.05 -15.33
CA VAL A 16 0.41 0.31 -15.31
C VAL A 16 0.65 -1.20 -15.28
N VAL A 17 -0.13 -1.89 -14.46
CA VAL A 17 -0.03 -3.34 -14.32
C VAL A 17 -1.42 -4.00 -14.42
N CYS A 18 -1.57 -4.90 -15.39
CA CYS A 18 -2.83 -5.59 -15.57
C CYS A 18 -2.86 -6.91 -14.80
N ALA A 19 -4.06 -7.43 -14.60
CA ALA A 19 -4.24 -8.68 -13.87
C ALA A 19 -4.50 -9.84 -14.81
N GLY A 20 -4.91 -9.53 -16.03
CA GLY A 20 -5.20 -10.57 -16.99
C GLY A 20 -6.55 -11.24 -16.72
N HIS A 21 -7.49 -10.47 -16.17
CA HIS A 21 -8.82 -10.98 -15.87
C HIS A 21 -9.69 -11.03 -17.12
N ASP A 22 -10.53 -12.05 -17.22
CA ASP A 22 -11.44 -12.21 -18.36
C ASP A 22 -12.76 -11.51 -18.07
N ASN A 23 -12.88 -10.25 -18.48
CA ASN A 23 -14.08 -9.46 -18.23
C ASN A 23 -15.21 -9.80 -19.20
N ASN A 24 -14.99 -10.83 -20.01
CA ASN A 24 -15.99 -11.27 -20.97
C ASN A 24 -16.84 -12.38 -20.37
N GLN A 25 -16.36 -12.97 -19.29
CA GLN A 25 -17.08 -14.04 -18.61
C GLN A 25 -17.81 -13.49 -17.38
N PRO A 26 -18.98 -14.07 -17.05
CA PRO A 26 -19.76 -13.62 -15.90
C PRO A 26 -18.91 -13.63 -14.64
N ASP A 27 -19.19 -12.70 -13.72
CA ASP A 27 -18.44 -12.62 -12.47
C ASP A 27 -18.70 -13.80 -11.53
N SER A 28 -17.67 -14.17 -10.79
CA SER A 28 -17.76 -15.25 -9.83
C SER A 28 -16.68 -15.04 -8.77
N PHE A 29 -17.01 -15.33 -7.51
CA PHE A 29 -16.06 -15.18 -6.42
C PHE A 29 -14.68 -15.77 -6.76
N ALA A 30 -14.66 -17.05 -7.13
CA ALA A 30 -13.41 -17.73 -7.46
C ALA A 30 -12.58 -16.98 -8.47
N ALA A 31 -13.17 -16.68 -9.63
CA ALA A 31 -12.46 -15.96 -10.70
C ALA A 31 -11.95 -14.60 -10.27
N LEU A 32 -12.81 -13.82 -9.62
CA LEU A 32 -12.42 -12.49 -9.17
C LEU A 32 -11.20 -12.49 -8.21
N LEU A 33 -11.27 -13.32 -7.17
CA LEU A 33 -10.19 -13.39 -6.20
C LEU A 33 -8.89 -13.90 -6.80
N SER A 34 -9.01 -14.96 -7.63
CA SER A 34 -7.85 -15.52 -8.27
C SER A 34 -7.15 -14.46 -9.14
N SER A 35 -7.93 -13.57 -9.73
CA SER A 35 -7.36 -12.51 -10.56
C SER A 35 -6.64 -11.49 -9.67
N LEU A 36 -7.22 -11.18 -8.51
CA LEU A 36 -6.60 -10.24 -7.58
C LEU A 36 -5.31 -10.84 -7.05
N ASN A 37 -5.30 -12.15 -6.78
CA ASN A 37 -4.11 -12.84 -6.30
C ASN A 37 -3.02 -12.72 -7.35
N GLU A 38 -3.38 -12.91 -8.62
CA GLU A 38 -2.44 -12.79 -9.74
C GLU A 38 -1.90 -11.35 -9.80
N LEU A 39 -2.82 -10.38 -9.74
CA LEU A 39 -2.49 -8.97 -9.79
C LEU A 39 -1.51 -8.68 -8.65
N GLY A 40 -1.71 -9.37 -7.53
CA GLY A 40 -0.80 -9.16 -6.41
C GLY A 40 0.59 -9.68 -6.72
N GLU A 41 0.67 -10.87 -7.32
CA GLU A 41 1.96 -11.47 -7.67
C GLU A 41 2.70 -10.52 -8.62
N ARG A 42 1.98 -10.05 -9.64
CA ARG A 42 2.58 -9.13 -10.61
C ARG A 42 3.03 -7.82 -9.96
N GLN A 43 2.19 -7.26 -9.10
CA GLN A 43 2.49 -6.03 -8.38
C GLN A 43 3.74 -6.20 -7.50
N LEU A 44 3.78 -7.27 -6.72
CA LEU A 44 4.92 -7.55 -5.83
C LEU A 44 6.27 -7.40 -6.54
N VAL A 45 6.37 -7.93 -7.76
CA VAL A 45 7.59 -7.81 -8.55
C VAL A 45 7.93 -6.35 -8.81
N HIS A 46 6.92 -5.55 -9.18
CA HIS A 46 7.14 -4.13 -9.45
C HIS A 46 7.54 -3.40 -8.18
N VAL A 47 6.93 -3.77 -7.06
CA VAL A 47 7.23 -3.15 -5.77
C VAL A 47 8.67 -3.44 -5.34
N VAL A 48 9.12 -4.66 -5.58
CA VAL A 48 10.47 -5.08 -5.20
C VAL A 48 11.50 -4.23 -5.93
N LYS A 49 11.28 -4.00 -7.23
CA LYS A 49 12.19 -3.22 -8.04
C LYS A 49 12.04 -1.73 -7.72
N TRP A 50 10.85 -1.34 -7.32
CA TRP A 50 10.58 0.05 -6.93
C TRP A 50 11.34 0.40 -5.62
N ALA A 51 11.16 -0.42 -4.58
CA ALA A 51 11.79 -0.19 -3.28
C ALA A 51 13.31 -0.20 -3.38
N LYS A 52 13.84 -1.11 -4.20
CA LYS A 52 15.29 -1.20 -4.39
C LYS A 52 15.88 0.01 -5.11
N ALA A 53 15.02 0.81 -5.74
CA ALA A 53 15.46 2.00 -6.44
C ALA A 53 15.26 3.24 -5.56
N LEU A 54 14.79 3.04 -4.33
CA LEU A 54 14.55 4.14 -3.40
C LEU A 54 15.83 4.59 -2.69
N PRO A 55 16.00 5.89 -2.48
CA PRO A 55 17.18 6.46 -1.81
C PRO A 55 17.40 5.89 -0.42
N GLY A 56 18.62 5.41 -0.18
CA GLY A 56 18.95 4.89 1.13
C GLY A 56 18.49 3.48 1.40
N PHE A 57 17.55 2.97 0.61
CA PHE A 57 17.02 1.64 0.84
C PHE A 57 18.15 0.61 0.88
N ARG A 58 19.07 0.73 -0.07
CA ARG A 58 20.22 -0.18 -0.16
C ARG A 58 21.04 -0.23 1.14
N ASN A 59 20.89 0.77 1.99
CA ASN A 59 21.63 0.81 3.24
C ASN A 59 21.16 -0.28 4.19
N LEU A 60 19.87 -0.59 4.16
CA LEU A 60 19.31 -1.60 5.03
C LEU A 60 19.97 -2.95 4.78
N HIS A 61 19.94 -3.80 5.80
CA HIS A 61 20.50 -5.14 5.69
C HIS A 61 19.70 -5.94 4.66
N VAL A 62 20.39 -6.78 3.89
CA VAL A 62 19.76 -7.58 2.85
C VAL A 62 18.50 -8.30 3.33
N ASP A 63 18.50 -8.74 4.58
CA ASP A 63 17.33 -9.43 5.11
C ASP A 63 16.21 -8.49 5.53
N ASP A 64 16.58 -7.27 5.92
CA ASP A 64 15.59 -6.28 6.33
C ASP A 64 14.86 -5.69 5.12
N GLN A 65 15.55 -5.59 3.99
CA GLN A 65 14.92 -5.07 2.78
C GLN A 65 13.74 -5.95 2.41
N MET A 66 13.99 -7.25 2.38
CA MET A 66 12.97 -8.23 2.04
C MET A 66 11.86 -8.24 3.09
N ALA A 67 12.25 -8.07 4.35
CA ALA A 67 11.33 -8.05 5.47
C ALA A 67 10.32 -6.93 5.35
N VAL A 68 10.80 -5.69 5.24
CA VAL A 68 9.91 -4.54 5.13
C VAL A 68 8.98 -4.68 3.94
N ILE A 69 9.49 -5.21 2.83
CA ILE A 69 8.69 -5.42 1.63
C ILE A 69 7.61 -6.46 1.87
N GLN A 70 7.98 -7.55 2.54
CA GLN A 70 7.05 -8.63 2.83
C GLN A 70 6.00 -8.28 3.90
N TYR A 71 6.21 -7.17 4.60
CA TYR A 71 5.27 -6.76 5.63
C TYR A 71 4.37 -5.59 5.22
N SER A 72 4.84 -4.75 4.32
CA SER A 72 4.06 -3.60 3.90
C SER A 72 3.57 -3.63 2.45
N TRP A 73 3.70 -4.77 1.76
CA TRP A 73 3.25 -4.88 0.37
C TRP A 73 1.72 -4.66 0.29
N MET A 74 1.02 -5.03 1.36
CA MET A 74 -0.42 -4.88 1.40
C MET A 74 -0.83 -3.41 1.53
N GLY A 75 -0.16 -2.71 2.44
CA GLY A 75 -0.46 -1.30 2.65
C GLY A 75 -0.06 -0.41 1.49
N LEU A 76 1.11 -0.68 0.91
CA LEU A 76 1.58 0.09 -0.22
C LEU A 76 0.63 -0.02 -1.43
N MET A 77 0.26 -1.25 -1.80
CA MET A 77 -0.61 -1.48 -2.96
C MET A 77 -1.98 -0.83 -2.83
N VAL A 78 -2.54 -0.89 -1.62
CA VAL A 78 -3.84 -0.27 -1.39
C VAL A 78 -3.82 1.26 -1.51
N PHE A 79 -2.77 1.87 -0.97
CA PHE A 79 -2.63 3.31 -0.99
C PHE A 79 -2.55 3.76 -2.42
N ALA A 80 -1.83 3.01 -3.24
CA ALA A 80 -1.67 3.34 -4.65
C ALA A 80 -2.97 3.07 -5.42
N MET A 81 -3.69 2.03 -5.02
CA MET A 81 -4.95 1.67 -5.68
C MET A 81 -6.01 2.73 -5.39
N GLY A 82 -6.00 3.26 -4.16
CA GLY A 82 -6.93 4.31 -3.78
C GLY A 82 -6.70 5.60 -4.58
N TRP A 83 -5.44 5.89 -4.86
CA TRP A 83 -5.06 7.07 -5.65
C TRP A 83 -5.51 6.92 -7.09
N ARG A 84 -5.29 5.74 -7.67
CA ARG A 84 -5.71 5.48 -9.05
C ARG A 84 -7.23 5.64 -9.17
N SER A 85 -7.95 5.21 -8.14
CA SER A 85 -9.41 5.29 -8.14
C SER A 85 -9.89 6.74 -8.12
N PHE A 86 -9.13 7.61 -7.46
CA PHE A 86 -9.47 9.02 -7.37
C PHE A 86 -9.14 9.81 -8.62
N THR A 87 -7.95 9.60 -9.17
CA THR A 87 -7.52 10.32 -10.36
C THR A 87 -8.09 9.75 -11.65
N ASN A 88 -8.53 8.49 -11.61
CA ASN A 88 -9.10 7.84 -12.79
C ASN A 88 -10.63 7.87 -12.87
N VAL A 89 -11.30 7.47 -11.80
CA VAL A 89 -12.76 7.45 -11.78
C VAL A 89 -13.37 8.20 -10.62
N ASN A 90 -12.61 9.15 -10.07
CA ASN A 90 -13.07 9.98 -8.97
C ASN A 90 -13.63 9.20 -7.77
N SER A 91 -12.92 8.14 -7.38
CA SER A 91 -13.30 7.32 -6.23
C SER A 91 -14.65 6.63 -6.36
N ARG A 92 -15.25 6.67 -7.56
CA ARG A 92 -16.55 6.06 -7.75
C ARG A 92 -16.48 4.55 -7.84
N MET A 93 -15.29 4.03 -8.10
CA MET A 93 -15.06 2.58 -8.17
C MET A 93 -13.61 2.30 -7.79
N LEU A 94 -13.33 1.06 -7.38
CA LEU A 94 -11.97 0.69 -7.03
C LEU A 94 -11.21 0.29 -8.30
N TYR A 95 -10.26 1.13 -8.69
CA TYR A 95 -9.46 0.91 -9.89
C TYR A 95 -8.23 0.04 -9.59
N PHE A 96 -8.50 -1.23 -9.27
CA PHE A 96 -7.40 -2.18 -9.01
C PHE A 96 -6.44 -2.29 -10.22
N ALA A 97 -7.03 -2.40 -11.38
CA ALA A 97 -6.25 -2.48 -12.61
C ALA A 97 -7.15 -2.14 -13.80
N PRO A 98 -6.54 -1.79 -14.95
CA PRO A 98 -7.31 -1.44 -16.15
C PRO A 98 -8.34 -2.50 -16.51
N ASP A 99 -7.95 -3.76 -16.35
CA ASP A 99 -8.84 -4.88 -16.67
C ASP A 99 -9.41 -5.51 -15.42
N LEU A 100 -9.45 -4.74 -14.34
CA LEU A 100 -9.98 -5.24 -13.09
C LEU A 100 -10.51 -4.08 -12.23
N VAL A 101 -11.64 -3.52 -12.68
CA VAL A 101 -12.28 -2.41 -11.98
C VAL A 101 -13.52 -2.92 -11.23
N PHE A 102 -13.52 -2.74 -9.92
CA PHE A 102 -14.63 -3.19 -9.10
C PHE A 102 -15.73 -2.15 -8.89
N ASN A 103 -16.97 -2.55 -9.16
CA ASN A 103 -18.11 -1.67 -8.94
C ASN A 103 -18.88 -2.18 -7.72
N GLU A 104 -19.99 -1.53 -7.38
CA GLU A 104 -20.79 -1.94 -6.23
C GLU A 104 -21.14 -3.43 -6.32
N TYR A 105 -21.35 -3.92 -7.53
CA TYR A 105 -21.72 -5.33 -7.70
C TYR A 105 -20.54 -6.28 -7.41
N ARG A 106 -19.37 -5.94 -7.96
CA ARG A 106 -18.18 -6.77 -7.74
C ARG A 106 -17.68 -6.76 -6.30
N MET A 107 -17.81 -5.60 -5.63
CA MET A 107 -17.42 -5.48 -4.24
C MET A 107 -18.20 -6.50 -3.43
N HIS A 108 -19.42 -6.78 -3.88
CA HIS A 108 -20.30 -7.76 -3.22
C HIS A 108 -19.89 -9.18 -3.60
N LYS A 109 -19.71 -9.41 -4.90
CA LYS A 109 -19.30 -10.72 -5.39
C LYS A 109 -17.95 -11.17 -4.79
N SER A 110 -17.09 -10.22 -4.44
CA SER A 110 -15.77 -10.51 -3.86
C SER A 110 -15.88 -11.04 -2.43
N ARG A 111 -17.07 -10.94 -1.85
CA ARG A 111 -17.29 -11.42 -0.48
C ARG A 111 -16.49 -10.62 0.53
N MET A 112 -16.08 -9.42 0.13
CA MET A 112 -15.32 -8.53 1.00
C MET A 112 -15.80 -7.10 0.80
N TYR A 113 -17.12 -6.92 0.82
CA TYR A 113 -17.74 -5.63 0.63
C TYR A 113 -17.29 -4.55 1.63
N SER A 114 -17.38 -4.87 2.92
CA SER A 114 -17.02 -3.93 3.98
C SER A 114 -15.61 -3.39 3.76
N GLN A 115 -14.68 -4.26 3.38
CA GLN A 115 -13.30 -3.86 3.17
C GLN A 115 -13.18 -2.95 1.95
N CYS A 116 -13.90 -3.27 0.88
CA CYS A 116 -13.87 -2.45 -0.33
C CYS A 116 -14.38 -1.04 -0.05
N VAL A 117 -15.44 -0.94 0.75
CA VAL A 117 -16.00 0.36 1.13
C VAL A 117 -14.96 1.23 1.83
N ARG A 118 -14.21 0.64 2.76
CA ARG A 118 -13.17 1.35 3.49
C ARG A 118 -12.08 1.84 2.55
N MET A 119 -11.76 1.07 1.52
CA MET A 119 -10.74 1.47 0.55
C MET A 119 -11.27 2.62 -0.31
N ARG A 120 -12.57 2.61 -0.57
CA ARG A 120 -13.16 3.67 -1.35
C ARG A 120 -13.13 4.98 -0.55
N HIS A 121 -13.38 4.83 0.75
CA HIS A 121 -13.40 5.98 1.66
C HIS A 121 -12.01 6.59 1.68
N LEU A 122 -11.01 5.73 1.70
CA LEU A 122 -9.62 6.19 1.67
C LEU A 122 -9.39 6.96 0.36
N SER A 123 -9.87 6.38 -0.73
CA SER A 123 -9.72 7.01 -2.05
C SER A 123 -10.37 8.38 -2.07
N GLN A 124 -11.46 8.54 -1.32
CA GLN A 124 -12.16 9.80 -1.25
C GLN A 124 -11.39 10.85 -0.45
N GLU A 125 -10.59 10.40 0.52
CA GLU A 125 -9.80 11.31 1.34
C GLU A 125 -8.85 12.11 0.45
N PHE A 126 -8.39 11.50 -0.62
CA PHE A 126 -7.48 12.18 -1.53
C PHE A 126 -8.11 13.45 -2.10
N GLY A 127 -9.41 13.39 -2.35
CA GLY A 127 -10.11 14.54 -2.89
C GLY A 127 -10.53 15.55 -1.83
N TRP A 128 -10.94 15.05 -0.67
CA TRP A 128 -11.35 15.91 0.44
C TRP A 128 -10.20 16.73 0.99
N LEU A 129 -9.01 16.13 1.01
CA LEU A 129 -7.83 16.82 1.53
C LEU A 129 -7.00 17.49 0.43
N GLN A 130 -7.49 17.43 -0.80
CA GLN A 130 -6.78 18.01 -1.94
C GLN A 130 -5.32 17.58 -1.98
N ILE A 131 -5.07 16.27 -1.90
CA ILE A 131 -3.72 15.73 -1.91
C ILE A 131 -3.08 15.96 -3.26
N THR A 132 -1.87 16.51 -3.25
CA THR A 132 -1.14 16.79 -4.47
C THR A 132 -0.36 15.54 -4.91
N PRO A 133 -0.04 15.44 -6.20
CA PRO A 133 0.70 14.30 -6.75
C PRO A 133 2.03 14.06 -6.00
N GLN A 134 2.69 15.14 -5.62
CA GLN A 134 3.96 15.06 -4.93
C GLN A 134 3.78 14.54 -3.49
N GLU A 135 2.71 14.99 -2.84
CA GLU A 135 2.44 14.53 -1.47
C GLU A 135 2.16 13.04 -1.46
N PHE A 136 1.43 12.56 -2.48
CA PHE A 136 1.09 11.15 -2.58
C PHE A 136 2.36 10.29 -2.60
N LEU A 137 3.22 10.56 -3.57
CA LEU A 137 4.48 9.83 -3.70
C LEU A 137 5.27 9.72 -2.37
N CYS A 138 5.38 10.83 -1.65
CA CYS A 138 6.13 10.83 -0.40
C CYS A 138 5.50 9.94 0.63
N MET A 139 4.19 10.07 0.80
CA MET A 139 3.44 9.24 1.73
C MET A 139 3.57 7.77 1.42
N LYS A 140 3.47 7.42 0.14
CA LYS A 140 3.57 6.02 -0.26
C LYS A 140 4.95 5.44 0.11
N ALA A 141 5.99 6.21 -0.17
CA ALA A 141 7.35 5.77 0.15
C ALA A 141 7.49 5.61 1.66
N LEU A 142 6.86 6.49 2.42
CA LEU A 142 6.89 6.44 3.89
C LEU A 142 6.18 5.17 4.43
N LEU A 143 5.17 4.71 3.70
CA LEU A 143 4.44 3.51 4.10
C LEU A 143 5.35 2.29 4.15
N LEU A 144 6.31 2.23 3.24
CA LEU A 144 7.28 1.12 3.17
C LEU A 144 7.98 0.94 4.52
N PHE A 145 8.27 2.06 5.19
CA PHE A 145 8.93 2.06 6.50
C PHE A 145 7.93 2.36 7.59
N SER A 146 6.76 1.72 7.54
CA SER A 146 5.71 1.93 8.54
C SER A 146 5.23 0.66 9.24
N ILE A 147 5.99 -0.44 9.12
CA ILE A 147 5.61 -1.68 9.77
C ILE A 147 6.80 -2.63 9.96
N ILE A 148 7.21 -2.82 11.21
CA ILE A 148 8.33 -3.68 11.54
C ILE A 148 8.03 -4.51 12.78
N PRO A 149 8.74 -5.62 12.98
CA PRO A 149 8.51 -6.49 14.14
C PRO A 149 8.83 -5.78 15.44
N VAL A 150 7.98 -6.00 16.44
CA VAL A 150 8.15 -5.38 17.76
C VAL A 150 9.57 -5.57 18.29
N ASP A 151 10.20 -6.69 17.95
CA ASP A 151 11.56 -6.99 18.39
C ASP A 151 12.60 -6.33 17.51
N GLY A 152 12.16 -5.38 16.68
CA GLY A 152 13.06 -4.67 15.79
C GLY A 152 13.58 -5.51 14.64
N LEU A 153 14.38 -4.89 13.78
CA LEU A 153 14.93 -5.57 12.62
C LEU A 153 16.39 -5.96 12.87
N LYS A 154 17.04 -6.52 11.84
CA LYS A 154 18.44 -6.92 11.94
C LYS A 154 19.27 -5.71 12.36
N ASN A 155 19.20 -4.64 11.57
CA ASN A 155 19.91 -3.41 11.88
C ASN A 155 18.89 -2.29 12.05
N GLN A 156 18.12 -2.36 13.14
CA GLN A 156 17.08 -1.38 13.43
C GLN A 156 17.60 0.06 13.41
N LYS A 157 18.89 0.23 13.70
CA LYS A 157 19.52 1.55 13.72
C LYS A 157 19.38 2.26 12.37
N PHE A 158 19.85 1.61 11.31
CA PHE A 158 19.77 2.20 9.96
C PHE A 158 18.34 2.48 9.54
N PHE A 159 17.42 1.60 9.91
CA PHE A 159 16.02 1.78 9.56
C PHE A 159 15.42 3.09 10.09
N ASP A 160 15.65 3.40 11.37
CA ASP A 160 15.10 4.62 11.96
C ASP A 160 15.62 5.85 11.25
N GLU A 161 16.89 5.82 10.85
CA GLU A 161 17.52 6.94 10.15
C GLU A 161 16.87 7.18 8.80
N LEU A 162 16.66 6.11 8.03
CA LEU A 162 16.04 6.21 6.72
C LEU A 162 14.61 6.73 6.86
N ARG A 163 13.88 6.20 7.84
CA ARG A 163 12.49 6.65 8.06
C ARG A 163 12.48 8.14 8.40
N MET A 164 13.34 8.55 9.31
CA MET A 164 13.45 9.94 9.71
C MET A 164 13.68 10.84 8.51
N ASN A 165 14.53 10.42 7.59
CA ASN A 165 14.82 11.21 6.40
C ASN A 165 13.60 11.35 5.48
N TYR A 166 12.83 10.28 5.34
CA TYR A 166 11.63 10.34 4.49
C TYR A 166 10.56 11.23 5.11
N ILE A 167 10.48 11.25 6.44
CA ILE A 167 9.52 12.10 7.12
C ILE A 167 9.95 13.56 6.96
N LYS A 168 11.27 13.78 7.03
CA LYS A 168 11.84 15.12 6.85
C LYS A 168 11.51 15.61 5.44
N GLU A 169 11.54 14.69 4.49
CA GLU A 169 11.25 15.02 3.10
C GLU A 169 9.78 15.43 2.91
N LEU A 170 8.91 14.85 3.71
CA LEU A 170 7.49 15.16 3.64
C LEU A 170 7.22 16.61 4.08
N ASP A 171 8.00 17.07 5.06
CA ASP A 171 7.84 18.44 5.57
C ASP A 171 8.26 19.45 4.52
N ARG A 172 9.34 19.14 3.80
CA ARG A 172 9.85 20.01 2.75
C ARG A 172 8.78 20.22 1.68
N ILE A 173 8.10 19.14 1.30
CA ILE A 173 7.04 19.22 0.30
C ILE A 173 5.90 20.12 0.80
N ILE A 174 5.64 20.07 2.11
CA ILE A 174 4.59 20.87 2.71
C ILE A 174 5.04 22.31 2.88
N ALA A 175 6.23 22.49 3.46
CA ALA A 175 6.79 23.82 3.70
C ALA A 175 7.06 24.58 2.41
N CYS A 176 7.55 23.87 1.39
CA CYS A 176 7.85 24.48 0.11
C CYS A 176 6.59 24.87 -0.64
N LYS A 177 5.74 25.64 0.05
CA LYS A 177 4.49 26.09 -0.53
C LYS A 177 3.80 27.04 0.44
N ARG A 178 3.44 26.52 1.61
CA ARG A 178 2.79 27.33 2.63
C ARG A 178 3.76 28.42 3.08
N LYS A 179 3.24 29.46 3.72
CA LYS A 179 4.06 30.56 4.19
C LYS A 179 4.06 30.61 5.71
N ASN A 180 2.86 30.60 6.28
CA ASN A 180 2.69 30.65 7.73
C ASN A 180 2.91 29.27 8.36
N PRO A 181 3.35 29.24 9.63
CA PRO A 181 3.59 27.98 10.35
C PRO A 181 2.28 27.29 10.74
N THR A 182 1.19 28.04 10.65
CA THR A 182 -0.13 27.52 11.00
C THR A 182 -0.61 26.53 9.93
N SER A 183 -0.34 26.87 8.68
CA SER A 183 -0.72 26.02 7.55
C SER A 183 0.13 24.75 7.48
N CYS A 184 1.44 24.91 7.67
CA CYS A 184 2.37 23.78 7.62
C CYS A 184 2.04 22.78 8.73
N SER A 185 1.93 23.27 9.96
CA SER A 185 1.62 22.40 11.08
C SER A 185 0.30 21.66 10.85
N ARG A 186 -0.73 22.43 10.47
CA ARG A 186 -2.05 21.85 10.21
C ARG A 186 -1.95 20.77 9.14
N ARG A 187 -1.27 21.10 8.05
CA ARG A 187 -1.09 20.17 6.94
C ARG A 187 -0.43 18.86 7.38
N PHE A 188 0.64 18.97 8.14
CA PHE A 188 1.35 17.79 8.62
C PHE A 188 0.40 16.90 9.39
N TYR A 189 -0.43 17.53 10.22
CA TYR A 189 -1.42 16.81 11.01
C TYR A 189 -2.35 16.00 10.11
N GLN A 190 -2.89 16.66 9.08
CA GLN A 190 -3.81 16.01 8.14
C GLN A 190 -3.15 14.81 7.45
N LEU A 191 -1.97 15.02 6.88
CA LEU A 191 -1.27 13.96 6.16
C LEU A 191 -0.98 12.77 7.05
N THR A 192 -0.49 13.01 8.27
CA THR A 192 -0.20 11.94 9.22
C THR A 192 -1.45 11.15 9.56
N LYS A 193 -2.57 11.86 9.70
CA LYS A 193 -3.85 11.20 9.98
C LYS A 193 -4.26 10.30 8.79
N LEU A 194 -3.94 10.75 7.58
CA LEU A 194 -4.29 10.01 6.39
C LEU A 194 -3.50 8.71 6.34
N LEU A 195 -2.20 8.80 6.62
CA LEU A 195 -1.33 7.63 6.61
C LEU A 195 -1.73 6.56 7.63
N ASP A 196 -2.01 6.98 8.84
CA ASP A 196 -2.44 6.04 9.87
C ASP A 196 -3.74 5.29 9.50
N SER A 197 -4.66 5.99 8.85
CA SER A 197 -5.94 5.37 8.46
C SER A 197 -5.74 4.19 7.51
N VAL A 198 -4.55 4.07 6.96
CA VAL A 198 -4.23 2.97 6.07
C VAL A 198 -4.01 1.65 6.82
N GLN A 199 -3.33 1.72 7.97
CA GLN A 199 -3.03 0.52 8.75
C GLN A 199 -4.28 -0.32 9.05
N PRO A 200 -5.31 0.29 9.64
CA PRO A 200 -6.54 -0.48 9.94
C PRO A 200 -7.06 -1.22 8.70
N ILE A 201 -7.09 -0.54 7.57
CA ILE A 201 -7.55 -1.11 6.30
C ILE A 201 -6.70 -2.32 5.92
N ALA A 202 -5.39 -2.15 6.03
CA ALA A 202 -4.45 -3.23 5.69
C ALA A 202 -4.64 -4.47 6.56
N ARG A 203 -4.81 -4.27 7.87
CA ARG A 203 -4.98 -5.42 8.77
C ARG A 203 -6.26 -6.23 8.44
N GLU A 204 -7.31 -5.53 8.02
CA GLU A 204 -8.55 -6.24 7.67
C GLU A 204 -8.36 -7.14 6.45
N LEU A 205 -7.53 -6.71 5.51
CA LEU A 205 -7.26 -7.46 4.30
C LEU A 205 -6.29 -8.60 4.58
N HIS A 206 -5.40 -8.38 5.55
CA HIS A 206 -4.42 -9.38 5.96
C HIS A 206 -5.11 -10.62 6.51
N GLN A 207 -6.19 -10.38 7.23
CA GLN A 207 -6.96 -11.47 7.82
C GLN A 207 -7.81 -12.17 6.79
N PHE A 208 -8.27 -11.41 5.81
CA PHE A 208 -9.11 -11.95 4.75
C PHE A 208 -8.32 -12.82 3.78
N THR A 209 -7.10 -12.42 3.45
CA THR A 209 -6.32 -13.20 2.50
C THR A 209 -5.77 -14.45 3.17
N PHE A 210 -5.53 -14.35 4.48
CA PHE A 210 -5.01 -15.46 5.26
C PHE A 210 -6.05 -16.59 5.34
N ASP A 211 -7.24 -16.22 5.79
CA ASP A 211 -8.33 -17.19 5.91
C ASP A 211 -8.72 -17.77 4.55
N LEU A 212 -8.57 -16.96 3.50
CA LEU A 212 -8.91 -17.42 2.16
C LEU A 212 -7.93 -18.51 1.67
N LEU A 213 -6.67 -18.36 2.05
CA LEU A 213 -5.63 -19.32 1.68
C LEU A 213 -5.88 -20.66 2.33
N ILE A 214 -6.41 -20.64 3.55
CA ILE A 214 -6.70 -21.87 4.28
C ILE A 214 -7.85 -22.65 3.65
N LYS A 215 -8.79 -21.92 3.03
CA LYS A 215 -9.95 -22.53 2.40
C LYS A 215 -9.88 -22.45 0.88
N SER A 216 -8.75 -21.98 0.37
CA SER A 216 -8.53 -21.84 -1.07
C SER A 216 -9.04 -23.03 -1.87
N HIS A 217 -8.60 -24.23 -1.48
CA HIS A 217 -9.00 -25.47 -2.15
C HIS A 217 -10.51 -25.68 -2.09
N MET A 218 -11.14 -25.23 -1.01
CA MET A 218 -12.57 -25.38 -0.84
C MET A 218 -13.39 -24.43 -1.73
N VAL A 219 -12.89 -23.22 -1.94
CA VAL A 219 -13.59 -22.23 -2.77
C VAL A 219 -13.03 -22.14 -4.18
N SER A 220 -12.10 -23.03 -4.50
CA SER A 220 -11.49 -23.07 -5.83
C SER A 220 -10.75 -21.79 -6.18
N VAL A 221 -9.96 -21.28 -5.23
CA VAL A 221 -9.18 -20.06 -5.44
C VAL A 221 -7.69 -20.39 -5.65
N ASP A 222 -7.12 -19.81 -6.70
CA ASP A 222 -5.71 -20.02 -7.00
C ASP A 222 -4.79 -18.98 -6.38
N PHE A 223 -3.78 -19.46 -5.66
CA PHE A 223 -2.79 -18.59 -5.04
C PHE A 223 -1.43 -18.79 -5.69
N PRO A 224 -0.86 -17.75 -6.29
CA PRO A 224 0.46 -17.83 -6.94
C PRO A 224 1.55 -18.34 -6.01
N GLU A 225 2.78 -18.36 -6.52
CA GLU A 225 3.93 -18.81 -5.75
C GLU A 225 4.17 -17.99 -4.49
N MET A 226 4.85 -16.86 -4.67
CA MET A 226 5.19 -15.98 -3.55
C MET A 226 3.97 -15.61 -2.71
N MET A 227 2.84 -15.42 -3.37
CA MET A 227 1.60 -15.05 -2.68
C MET A 227 1.25 -16.03 -1.56
N ALA A 228 1.29 -17.32 -1.86
CA ALA A 228 0.97 -18.34 -0.87
C ALA A 228 2.08 -18.40 0.18
N GLU A 229 3.32 -18.28 -0.28
CA GLU A 229 4.51 -18.28 0.59
C GLU A 229 4.45 -17.15 1.65
N ILE A 230 4.33 -15.91 1.17
CA ILE A 230 4.30 -14.72 2.02
C ILE A 230 3.07 -14.67 2.95
N ILE A 231 1.94 -15.14 2.46
CA ILE A 231 0.73 -15.13 3.27
C ILE A 231 0.69 -16.17 4.39
N SER A 232 1.38 -17.30 4.20
CA SER A 232 1.37 -18.34 5.20
C SER A 232 2.57 -18.26 6.16
N VAL A 233 3.54 -17.41 5.83
CA VAL A 233 4.72 -17.26 6.67
C VAL A 233 4.90 -15.86 7.24
N GLN A 234 4.78 -14.84 6.39
CA GLN A 234 4.96 -13.45 6.83
C GLN A 234 3.69 -12.86 7.45
N VAL A 235 2.59 -12.91 6.68
CA VAL A 235 1.31 -12.37 7.15
C VAL A 235 0.93 -12.79 8.57
N PRO A 236 1.07 -14.09 8.91
CA PRO A 236 0.72 -14.57 10.26
C PRO A 236 1.44 -13.82 11.39
N LYS A 237 2.69 -13.43 11.15
CA LYS A 237 3.44 -12.69 12.16
C LYS A 237 2.78 -11.37 12.52
N ILE A 238 2.11 -10.77 11.54
CA ILE A 238 1.45 -9.50 11.78
C ILE A 238 0.17 -9.72 12.58
N LEU A 239 -0.60 -10.72 12.16
CA LEU A 239 -1.87 -11.06 12.81
C LEU A 239 -1.67 -11.58 14.22
N SER A 240 -0.50 -12.17 14.47
CA SER A 240 -0.18 -12.71 15.79
C SER A 240 0.29 -11.61 16.75
N GLY A 241 0.78 -10.51 16.18
CA GLY A 241 1.22 -9.41 17.00
C GLY A 241 2.73 -9.26 17.00
N LYS A 242 3.41 -10.17 16.29
CA LYS A 242 4.87 -10.11 16.22
C LYS A 242 5.38 -8.92 15.39
N VAL A 243 4.55 -8.46 14.46
CA VAL A 243 4.88 -7.36 13.57
C VAL A 243 3.74 -6.35 13.62
N LYS A 244 4.05 -5.13 14.04
CA LYS A 244 3.02 -4.10 14.15
C LYS A 244 3.43 -2.82 13.44
N PRO A 245 2.44 -2.12 12.84
CA PRO A 245 2.65 -0.86 12.12
C PRO A 245 3.11 0.28 13.04
N ILE A 246 3.60 1.36 12.43
CA ILE A 246 4.09 2.52 13.17
C ILE A 246 3.14 3.69 13.00
N TYR A 247 2.32 3.93 14.01
CA TYR A 247 1.35 5.03 13.96
C TYR A 247 1.95 6.35 14.40
N PHE A 248 1.48 7.45 13.83
CA PHE A 248 1.95 8.77 14.22
C PHE A 248 1.17 9.19 15.47
N HIS A 249 -0.14 9.03 15.42
CA HIS A 249 -1.03 9.40 16.51
C HIS A 249 -1.42 8.16 17.25
N THR A 250 -2.09 8.31 18.38
CA THR A 250 -2.51 7.17 19.18
C THR A 250 -4.04 7.01 19.12
#